data_8S62
#
_entry.id   8S62
#
_cell.length_a   1.00
_cell.length_b   1.00
_cell.length_c   1.00
_cell.angle_alpha   90.00
_cell.angle_beta   90.00
_cell.angle_gamma   90.00
#
_symmetry.space_group_name_H-M   'P 1'
#
loop_
_entity.id
_entity.type
_entity.pdbx_description
1 polymer Nb3.7
2 polymer 'Thiamine transporter 2'
3 non-polymer Amprolium
#
loop_
_entity_poly.entity_id
_entity_poly.type
_entity_poly.pdbx_seq_one_letter_code
_entity_poly.pdbx_strand_id
1 'polypeptide(L)'
;QVQLVESGGGLVQPGDSLRLSCAASGRTFSINAMAWFRQAPGKEREYVAQISWTGGNTYYAESVKGRFTISRDNAKNTVY
LQMISLKPEDTAVYYCAADSGGIRLGASRWNYWGQGTQVTVSSGRASSSSHHHHHHEPEA
;
B
2 'polypeptide(L)'
;MDCYRTSLSSSWIYPTVILCLFGFFSMMRPSEPFLIPYLSGPDKQLTSAEITNEIFPVWTYSYLVLLLPVFVLTDYVRYK
PVIILQGISFIITWLLLLFGQGVKTMQVVEFFYGMVTAAEVAYYAYIYSVVSPEHYQRVSGYCRSVTLAAYTAGSVLAQL
LVSLAQMSYFYLNVISLASVSVAFLFSLFLPMPKKSMFFHAKPSREIKKSSSVNPVLEETHEGEAPGCEEQKPTSEILST
SGKLNKGQLNSLKPSNVTVDVFVQWFQDLKECYSSKRLFYWSLWWAFATAGFNQVLNYVQILWDYKAPSQDSSIYNGAVE
AIATFGGAVAAFAVGYVKVNWDLLGELALVVFSVVNAGSLFLMHYTANIWACYAGYLIFKSSYMLLITIAVFQIAVNLNV
ERYALVFGINTFIALVIQTIMTVIVVDQRGLNLPVSIQFLVYGSYFAVIAGIFLMRSMYITYSTKSQKDVQSPAPSENPD
VSHPEEESNIIMSTKLLEVLFQGPSSGWSHPQFEKGGGSGGGSGGSAWSHPQFEK
;
A
#
loop_
_chem_comp.id
_chem_comp.type
_chem_comp.name
_chem_comp.formula
A1H5C non-polymer Amprolium 'C14 H19 N4 1'
#
# COMPACT_ATOMS: atom_id res chain seq x y z
N VAL A 2 -13.82 23.17 -18.71
CA VAL A 2 -12.60 23.93 -18.93
C VAL A 2 -12.31 24.01 -20.42
N GLN A 3 -11.96 25.18 -20.90
CA GLN A 3 -11.71 25.44 -22.31
C GLN A 3 -10.26 25.88 -22.45
N LEU A 4 -9.35 24.92 -22.52
CA LEU A 4 -7.94 25.24 -22.63
C LEU A 4 -7.60 25.70 -24.03
N VAL A 5 -6.84 26.78 -24.13
CA VAL A 5 -6.41 27.34 -25.41
C VAL A 5 -4.89 27.48 -25.37
N GLU A 6 -4.22 26.89 -26.36
CA GLU A 6 -2.75 26.86 -26.41
C GLU A 6 -2.23 27.82 -27.48
N SER A 7 -1.10 28.48 -27.22
CA SER A 7 -0.48 29.37 -28.17
C SER A 7 0.98 29.60 -27.76
N GLY A 8 1.77 30.11 -28.70
CA GLY A 8 3.17 30.34 -28.51
C GLY A 8 4.10 29.53 -29.40
N GLY A 9 3.56 28.70 -30.28
CA GLY A 9 4.40 27.89 -31.14
C GLY A 9 5.05 28.69 -32.26
N GLY A 10 5.98 28.02 -32.94
CA GLY A 10 6.69 28.65 -34.04
C GLY A 10 7.87 27.80 -34.47
N LEU A 11 8.47 28.22 -35.59
CA LEU A 11 9.62 27.51 -36.16
C LEU A 11 10.91 28.22 -35.80
N VAL A 12 11.89 27.46 -35.33
CA VAL A 12 13.16 27.99 -34.84
C VAL A 12 14.25 26.96 -35.01
N GLN A 13 15.48 27.42 -35.25
CA GLN A 13 16.62 26.53 -35.36
C GLN A 13 16.89 25.87 -34.02
N PRO A 14 17.62 24.75 -34.01
CA PRO A 14 18.04 24.16 -32.74
C PRO A 14 18.78 25.18 -31.87
N GLY A 15 18.79 24.93 -30.57
CA GLY A 15 19.46 25.83 -29.66
C GLY A 15 18.73 27.13 -29.44
N ASP A 16 17.41 27.14 -29.67
CA ASP A 16 16.60 28.34 -29.58
C ASP A 16 15.49 28.09 -28.57
N SER A 17 15.32 29.00 -27.61
CA SER A 17 14.35 28.77 -26.56
C SER A 17 12.96 29.26 -26.96
N LEU A 18 11.94 28.65 -26.38
CA LEU A 18 10.56 29.03 -26.59
C LEU A 18 9.78 28.90 -25.29
N ARG A 19 8.65 29.60 -25.22
CA ARG A 19 7.74 29.54 -24.05
C ARG A 19 6.34 29.27 -24.58
N LEU A 20 5.61 28.33 -24.00
CA LEU A 20 4.23 28.02 -24.38
C LEU A 20 3.31 28.23 -23.20
N SER A 21 2.12 28.76 -23.47
CA SER A 21 1.12 29.03 -22.45
C SER A 21 -0.13 28.19 -22.68
N CYS A 22 -1.01 28.18 -21.69
CA CYS A 22 -2.26 27.41 -21.74
C CYS A 22 -3.29 28.14 -20.89
N ALA A 23 -4.11 28.98 -21.53
CA ALA A 23 -5.03 29.86 -20.81
C ALA A 23 -6.34 29.12 -20.49
N ALA A 24 -6.24 28.20 -19.53
CA ALA A 24 -7.44 27.54 -19.04
C ALA A 24 -8.41 28.58 -18.50
N SER A 25 -9.67 28.49 -18.89
CA SER A 25 -10.64 29.48 -18.43
C SER A 25 -12.04 28.93 -18.63
N GLY A 26 -12.92 29.29 -17.70
CA GLY A 26 -14.29 28.85 -17.70
C GLY A 26 -14.68 28.06 -16.46
N ARG A 27 -13.82 27.14 -16.04
CA ARG A 27 -14.08 26.31 -14.83
C ARG A 27 -12.77 26.13 -14.09
N THR A 28 -12.09 27.23 -13.78
CA THR A 28 -10.84 27.14 -13.05
C THR A 28 -11.00 26.50 -11.68
N PHE A 29 -12.11 26.78 -10.98
CA PHE A 29 -12.18 26.50 -9.55
C PHE A 29 -11.74 25.09 -9.21
N SER A 30 -11.81 24.17 -10.17
CA SER A 30 -11.38 22.78 -9.95
C SER A 30 -10.47 22.38 -11.11
N ILE A 31 -9.18 22.63 -10.96
CA ILE A 31 -8.16 22.14 -11.88
C ILE A 31 -6.99 21.67 -11.03
N ASN A 32 -6.83 20.35 -10.90
CA ASN A 32 -5.85 19.79 -9.98
C ASN A 32 -4.54 19.38 -10.66
N ALA A 33 -4.35 19.73 -11.92
CA ALA A 33 -3.10 19.44 -12.60
C ALA A 33 -3.18 20.01 -14.01
N MET A 34 -2.02 20.15 -14.64
CA MET A 34 -1.96 20.57 -16.04
C MET A 34 -0.66 20.04 -16.62
N ALA A 35 -0.74 18.93 -17.34
CA ALA A 35 0.43 18.23 -17.83
C ALA A 35 0.51 18.35 -19.33
N TRP A 36 1.66 18.77 -19.84
CA TRP A 36 1.83 18.95 -21.27
C TRP A 36 2.13 17.61 -21.95
N PHE A 37 1.64 17.48 -23.18
CA PHE A 37 1.77 16.27 -23.95
C PHE A 37 2.25 16.60 -25.35
N ARG A 38 2.95 15.66 -25.96
CA ARG A 38 3.61 15.89 -27.24
C ARG A 38 3.35 14.71 -28.16
N GLN A 39 3.12 15.01 -29.44
CA GLN A 39 2.84 13.99 -30.45
C GLN A 39 3.67 14.33 -31.69
N ALA A 40 4.79 13.63 -31.87
CA ALA A 40 5.59 13.81 -33.06
C ALA A 40 4.88 13.22 -34.26
N PRO A 41 5.24 13.63 -35.49
CA PRO A 41 4.56 13.10 -36.67
C PRO A 41 4.66 11.59 -36.73
N GLY A 42 3.56 10.95 -37.11
CA GLY A 42 3.52 9.50 -37.24
C GLY A 42 3.83 8.76 -35.96
N LYS A 43 3.68 9.41 -34.80
CA LYS A 43 3.99 8.79 -33.52
C LYS A 43 2.80 8.92 -32.57
N GLU A 44 2.98 8.51 -31.31
CA GLU A 44 1.94 8.56 -30.30
C GLU A 44 2.26 9.62 -29.25
N ARG A 45 1.21 10.04 -28.54
CA ARG A 45 1.35 11.08 -27.49
C ARG A 45 2.41 10.66 -26.49
N GLU A 46 3.22 11.61 -26.03
CA GLU A 46 4.29 11.36 -25.08
C GLU A 46 4.17 12.31 -23.89
N TYR A 47 4.43 11.80 -22.70
CA TYR A 47 4.46 12.63 -21.50
C TYR A 47 5.61 13.63 -21.58
N VAL A 48 5.34 14.87 -21.20
CA VAL A 48 6.35 15.92 -21.33
C VAL A 48 6.58 16.67 -20.01
N ALA A 49 5.57 16.76 -19.17
CA ALA A 49 5.69 17.57 -17.96
C ALA A 49 4.43 17.39 -17.11
N GLN A 50 4.38 18.11 -16.01
CA GLN A 50 3.23 18.05 -15.11
C GLN A 50 3.41 19.10 -14.03
N ILE A 51 2.31 19.67 -13.55
CA ILE A 51 2.34 20.67 -12.49
C ILE A 51 1.04 20.57 -11.71
N SER A 52 1.13 20.38 -10.40
CA SER A 52 -0.05 20.41 -9.56
C SER A 52 -0.50 21.86 -9.36
N TRP A 53 -1.80 22.02 -9.11
CA TRP A 53 -2.37 23.35 -8.96
C TRP A 53 -2.29 23.86 -7.52
N THR A 54 -2.75 23.05 -6.56
CA THR A 54 -2.76 23.50 -5.17
C THR A 54 -1.35 23.75 -4.67
N GLY A 55 -0.41 22.90 -5.05
CA GLY A 55 0.97 23.07 -4.65
C GLY A 55 1.81 23.39 -5.87
N GLY A 56 3.07 22.99 -5.86
CA GLY A 56 3.94 23.32 -6.97
C GLY A 56 4.85 22.19 -7.37
N ASN A 57 4.46 20.97 -7.00
CA ASN A 57 5.23 19.79 -7.38
C ASN A 57 5.24 19.66 -8.90
N THR A 58 6.37 19.18 -9.43
CA THR A 58 6.52 18.97 -10.85
C THR A 58 7.18 17.62 -11.09
N TYR A 59 6.96 17.08 -12.29
CA TYR A 59 7.51 15.77 -12.64
C TYR A 59 7.66 15.73 -14.16
N TYR A 60 8.91 15.87 -14.63
CA TYR A 60 9.19 15.90 -16.05
C TYR A 60 9.55 14.51 -16.55
N ALA A 61 9.38 14.31 -17.85
CA ALA A 61 9.80 13.07 -18.48
C ALA A 61 11.32 12.96 -18.43
N GLU A 62 11.82 11.72 -18.38
CA GLU A 62 13.25 11.51 -18.21
C GLU A 62 14.04 12.10 -19.37
N SER A 63 13.56 11.91 -20.60
CA SER A 63 14.30 12.41 -21.76
C SER A 63 14.39 13.92 -21.76
N VAL A 64 13.29 14.61 -21.41
CA VAL A 64 13.22 16.06 -21.54
C VAL A 64 13.63 16.79 -20.26
N LYS A 65 13.96 16.08 -19.20
CA LYS A 65 14.31 16.75 -17.94
C LYS A 65 15.59 17.56 -18.11
N GLY A 66 15.66 18.67 -17.38
CA GLY A 66 16.85 19.51 -17.36
C GLY A 66 16.79 20.70 -18.29
N ARG A 67 15.92 20.66 -19.30
CA ARG A 67 15.73 21.79 -20.21
C ARG A 67 14.28 22.26 -20.29
N PHE A 68 13.33 21.46 -19.84
CA PHE A 68 11.92 21.83 -19.81
C PHE A 68 11.55 22.21 -18.38
N THR A 69 10.98 23.40 -18.20
CA THR A 69 10.50 23.85 -16.90
C THR A 69 9.06 24.30 -17.04
N ILE A 70 8.17 23.73 -16.24
CA ILE A 70 6.74 24.03 -16.29
C ILE A 70 6.35 24.75 -15.01
N SER A 71 5.81 25.97 -15.17
CA SER A 71 5.53 26.85 -14.06
C SER A 71 4.09 27.32 -14.12
N ARG A 72 3.44 27.39 -12.96
CA ARG A 72 2.04 27.78 -12.88
C ARG A 72 1.90 29.28 -12.58
N ASP A 73 0.80 29.86 -13.05
CA ASP A 73 0.40 31.22 -12.71
C ASP A 73 -1.12 31.24 -12.48
N ASN A 74 -1.53 30.97 -11.25
CA ASN A 74 -2.98 30.84 -10.92
C ASN A 74 -3.71 32.17 -11.07
N ALA A 75 -3.05 33.33 -10.98
CA ALA A 75 -3.77 34.60 -11.02
C ALA A 75 -4.52 34.77 -12.33
N LYS A 76 -3.90 34.38 -13.44
CA LYS A 76 -4.54 34.42 -14.76
C LYS A 76 -4.90 33.02 -15.27
N ASN A 77 -4.48 31.99 -14.55
CA ASN A 77 -4.81 30.56 -14.84
C ASN A 77 -3.98 29.95 -15.98
N THR A 78 -2.96 30.62 -16.52
CA THR A 78 -2.14 30.01 -17.55
C THR A 78 -1.10 29.07 -16.93
N VAL A 79 -0.54 28.20 -17.78
CA VAL A 79 0.59 27.35 -17.42
C VAL A 79 1.67 27.53 -18.45
N TYR A 80 2.87 27.90 -18.00
CA TYR A 80 3.99 28.18 -18.88
C TYR A 80 4.95 27.01 -18.91
N LEU A 81 5.28 26.55 -20.11
CA LEU A 81 6.33 25.55 -20.31
C LEU A 81 7.47 26.24 -21.04
N GLN A 82 8.61 26.36 -20.37
CA GLN A 82 9.82 26.95 -20.95
C GLN A 82 10.72 25.81 -21.42
N MET A 83 11.10 25.85 -22.69
CA MET A 83 11.98 24.81 -23.31
C MET A 83 13.25 25.47 -23.81
N ILE A 84 14.41 24.85 -23.61
CA ILE A 84 15.70 25.33 -24.07
C ILE A 84 16.43 24.20 -24.78
N SER A 85 17.31 24.58 -25.70
CA SER A 85 18.17 23.64 -26.41
C SER A 85 17.36 22.61 -27.21
N LEU A 86 16.66 23.08 -28.24
CA LEU A 86 15.85 22.17 -29.09
C LEU A 86 16.79 21.29 -29.91
N LYS A 87 16.35 20.11 -30.35
CA LYS A 87 17.17 19.19 -31.19
C LYS A 87 16.39 18.88 -32.46
N PRO A 88 17.02 18.37 -33.55
CA PRO A 88 16.33 18.11 -34.82
C PRO A 88 15.35 16.93 -34.72
N GLU A 89 15.20 16.32 -33.53
CA GLU A 89 14.23 15.22 -33.30
C GLU A 89 13.28 15.62 -32.16
N ASP A 90 12.99 16.91 -32.00
CA ASP A 90 12.01 17.42 -31.00
C ASP A 90 10.76 17.86 -31.76
N THR A 91 10.81 17.92 -33.09
CA THR A 91 9.68 18.37 -33.89
C THR A 91 8.42 17.58 -33.55
N ALA A 92 7.36 18.29 -33.19
CA ALA A 92 6.10 17.65 -32.80
C ALA A 92 5.06 18.75 -32.61
N VAL A 93 3.89 18.35 -32.13
CA VAL A 93 2.82 19.27 -31.74
C VAL A 93 2.58 19.08 -30.26
N TYR A 94 2.33 20.18 -29.54
CA TYR A 94 2.18 20.15 -28.09
C TYR A 94 0.71 20.29 -27.71
N TYR A 95 0.27 19.44 -26.78
CA TYR A 95 -1.09 19.44 -26.26
C TYR A 95 -1.07 19.66 -24.75
N CYS A 96 -2.05 20.41 -24.25
CA CYS A 96 -2.27 20.52 -22.81
C CYS A 96 -3.11 19.33 -22.33
N ALA A 97 -3.25 19.23 -21.02
CA ALA A 97 -4.10 18.19 -20.43
C ALA A 97 -4.43 18.61 -19.00
N ALA A 98 -5.68 18.97 -18.76
CA ALA A 98 -6.11 19.48 -17.47
C ALA A 98 -6.91 18.41 -16.73
N ASP A 99 -6.55 18.18 -15.47
CA ASP A 99 -7.34 17.32 -14.58
C ASP A 99 -8.32 18.21 -13.82
N SER A 100 -9.61 18.11 -14.15
CA SER A 100 -10.59 18.98 -13.52
C SER A 100 -10.66 18.74 -12.02
N GLY A 101 -11.08 17.56 -11.60
CA GLY A 101 -11.12 17.19 -10.20
C GLY A 101 -12.42 16.53 -9.81
N GLY A 102 -12.41 15.97 -8.61
CA GLY A 102 -13.54 15.23 -8.09
C GLY A 102 -13.49 13.76 -8.47
N ILE A 103 -14.38 12.98 -7.85
CA ILE A 103 -14.44 11.55 -8.12
C ILE A 103 -14.97 11.33 -9.52
N ARG A 104 -14.26 10.51 -10.29
CA ARG A 104 -14.62 10.28 -11.70
C ARG A 104 -14.33 8.86 -12.15
N LEU A 105 -15.11 8.36 -13.09
CA LEU A 105 -14.88 7.07 -13.73
C LEU A 105 -14.70 7.31 -15.22
N GLY A 106 -13.53 6.96 -15.74
CA GLY A 106 -13.24 7.26 -17.13
C GLY A 106 -12.10 6.42 -17.64
N ALA A 107 -11.68 6.73 -18.87
CA ALA A 107 -10.64 5.99 -19.56
C ALA A 107 -9.24 6.48 -19.21
N SER A 108 -9.07 7.80 -19.03
CA SER A 108 -7.77 8.43 -18.72
C SER A 108 -7.93 9.43 -17.58
N ARG A 109 -6.90 9.64 -16.77
CA ARG A 109 -6.94 10.60 -15.64
C ARG A 109 -7.21 11.99 -16.17
N TRP A 110 -6.59 12.39 -17.30
CA TRP A 110 -6.73 13.74 -17.80
C TRP A 110 -8.08 13.91 -18.48
N ASN A 111 -8.89 14.85 -17.96
CA ASN A 111 -10.24 15.02 -18.46
C ASN A 111 -10.28 15.79 -19.77
N TYR A 112 -9.88 17.05 -19.73
CA TYR A 112 -10.04 17.96 -20.85
C TYR A 112 -8.70 18.24 -21.50
N TRP A 113 -8.70 18.39 -22.81
CA TRP A 113 -7.44 18.58 -23.55
C TRP A 113 -7.53 19.84 -24.38
N GLY A 114 -6.43 20.19 -25.02
CA GLY A 114 -6.33 21.35 -25.88
C GLY A 114 -6.42 20.99 -27.35
N GLN A 115 -6.11 21.98 -28.18
CA GLN A 115 -6.24 21.84 -29.62
C GLN A 115 -4.94 21.37 -30.26
N GLY A 116 -3.84 22.10 -30.06
CA GLY A 116 -2.55 21.72 -30.60
C GLY A 116 -1.77 22.86 -31.21
N THR A 117 -0.50 22.95 -30.83
CA THR A 117 0.43 23.96 -31.37
C THR A 117 1.62 23.24 -31.98
N GLN A 118 2.12 23.75 -33.09
CA GLN A 118 3.11 23.06 -33.92
C GLN A 118 4.49 23.65 -33.69
N VAL A 119 5.47 22.80 -33.40
CA VAL A 119 6.86 23.20 -33.22
C VAL A 119 7.71 22.41 -34.21
N THR A 120 8.45 23.12 -35.06
CA THR A 120 9.22 22.52 -36.15
C THR A 120 10.69 22.94 -36.03
N VAL A 121 11.59 21.99 -35.74
CA VAL A 121 13.04 22.27 -35.55
C VAL A 121 13.82 21.64 -36.72
N SER A 122 14.27 22.46 -37.69
CA SER A 122 15.01 21.99 -38.89
C SER A 122 15.91 23.13 -39.37
N SER A 123 16.56 22.99 -40.53
CA SER A 123 17.44 24.04 -41.12
C SER A 123 16.97 24.49 -42.51
N SER B 11 -18.80 -32.59 12.32
CA SER B 11 -19.78 -31.52 12.44
C SER B 11 -19.11 -30.16 12.28
N TRP B 12 -17.84 -30.09 12.67
CA TRP B 12 -17.05 -28.88 12.54
C TRP B 12 -16.45 -28.71 11.15
N ILE B 13 -16.66 -29.68 10.25
CA ILE B 13 -16.11 -29.58 8.90
C ILE B 13 -16.89 -28.64 8.01
N TYR B 14 -18.15 -28.33 8.35
CA TYR B 14 -18.99 -27.51 7.50
C TYR B 14 -18.70 -26.02 7.63
N PRO B 15 -18.46 -25.49 8.84
CA PRO B 15 -18.08 -24.08 8.94
C PRO B 15 -16.60 -23.85 8.78
N THR B 16 -15.79 -24.90 8.63
CA THR B 16 -14.38 -24.73 8.29
C THR B 16 -14.10 -24.92 6.81
N VAL B 17 -14.92 -25.68 6.09
CA VAL B 17 -14.76 -25.76 4.65
C VAL B 17 -15.09 -24.41 4.01
N ILE B 18 -16.24 -23.84 4.37
CA ILE B 18 -16.64 -22.56 3.78
C ILE B 18 -15.82 -21.41 4.32
N LEU B 19 -15.67 -21.32 5.65
CA LEU B 19 -14.91 -20.20 6.18
C LEU B 19 -13.48 -20.18 5.63
N CYS B 20 -12.91 -21.36 5.37
CA CYS B 20 -11.59 -21.41 4.77
C CYS B 20 -11.65 -21.09 3.28
N LEU B 21 -12.67 -21.60 2.59
CA LEU B 21 -12.82 -21.29 1.17
C LEU B 21 -12.96 -19.80 0.94
N PHE B 22 -13.74 -19.13 1.79
CA PHE B 22 -13.82 -17.68 1.72
C PHE B 22 -12.45 -17.05 1.97
N GLY B 23 -11.70 -17.59 2.94
CA GLY B 23 -10.41 -17.00 3.25
C GLY B 23 -9.41 -17.11 2.11
N PHE B 24 -9.32 -18.29 1.50
CA PHE B 24 -8.32 -18.50 0.46
C PHE B 24 -8.59 -17.63 -0.76
N PHE B 25 -9.84 -17.59 -1.21
CA PHE B 25 -10.16 -16.85 -2.43
C PHE B 25 -10.09 -15.34 -2.21
N SER B 26 -10.38 -14.89 -1.00
CA SER B 26 -10.30 -13.45 -0.73
C SER B 26 -8.86 -12.97 -0.78
N MET B 27 -7.93 -13.72 -0.20
CA MET B 27 -6.54 -13.31 -0.10
C MET B 27 -5.69 -13.78 -1.27
N MET B 28 -6.29 -14.41 -2.29
CA MET B 28 -5.57 -14.73 -3.51
C MET B 28 -5.76 -13.57 -4.47
N ARG B 29 -5.01 -12.50 -4.20
CA ARG B 29 -5.10 -11.27 -4.99
C ARG B 29 -3.82 -11.09 -5.79
N PRO B 30 -3.81 -11.46 -7.08
CA PRO B 30 -2.56 -11.34 -7.86
C PRO B 30 -2.07 -9.91 -8.00
N SER B 31 -2.95 -8.92 -7.93
CA SER B 31 -2.56 -7.54 -8.23
C SER B 31 -2.21 -6.75 -6.97
N GLU B 32 -1.75 -7.44 -5.93
CA GLU B 32 -1.25 -6.73 -4.76
C GLU B 32 0.19 -6.28 -4.97
N PRO B 33 1.08 -7.16 -5.45
CA PRO B 33 2.47 -6.73 -5.65
C PRO B 33 2.62 -5.70 -6.74
N PHE B 34 1.93 -5.90 -7.87
CA PHE B 34 2.00 -4.98 -8.99
C PHE B 34 0.94 -3.89 -8.84
N LEU B 35 1.06 -3.13 -7.75
CA LEU B 35 0.11 -2.06 -7.45
C LEU B 35 0.66 -0.69 -7.84
N ILE B 36 1.79 -0.29 -7.26
CA ILE B 36 2.40 0.99 -7.59
C ILE B 36 2.84 0.98 -9.03
N PRO B 37 3.51 -0.07 -9.52
CA PRO B 37 3.79 -0.15 -10.96
C PRO B 37 2.53 -0.09 -11.80
N TYR B 38 1.40 -0.55 -11.27
CA TYR B 38 0.13 -0.38 -11.98
C TYR B 38 -0.35 1.07 -11.89
N LEU B 39 -0.27 1.66 -10.70
CA LEU B 39 -0.78 3.02 -10.52
C LEU B 39 0.05 4.03 -11.31
N SER B 40 1.35 4.09 -11.04
CA SER B 40 2.24 5.05 -11.69
C SER B 40 2.70 4.51 -13.05
N GLY B 41 1.72 4.16 -13.87
CA GLY B 41 1.97 3.63 -15.20
C GLY B 41 1.21 4.39 -16.25
N PRO B 42 0.93 3.74 -17.38
CA PRO B 42 0.13 4.37 -18.44
C PRO B 42 -1.37 4.25 -18.28
N ASP B 43 -1.86 3.68 -17.17
CA ASP B 43 -3.29 3.50 -16.93
C ASP B 43 -3.87 4.61 -16.06
N LYS B 44 -3.23 4.93 -14.95
CA LYS B 44 -3.68 5.97 -14.02
C LYS B 44 -2.49 6.82 -13.60
N GLN B 45 -1.76 7.35 -14.58
CA GLN B 45 -0.48 8.00 -14.32
C GLN B 45 -0.57 8.94 -13.11
N LEU B 46 0.18 8.60 -12.06
CA LEU B 46 0.22 9.37 -10.83
C LEU B 46 1.67 9.48 -10.39
N THR B 47 2.16 10.71 -10.27
CA THR B 47 3.55 10.91 -9.87
C THR B 47 3.77 10.35 -8.47
N SER B 48 4.98 9.83 -8.25
CA SER B 48 5.29 9.18 -6.98
C SER B 48 5.07 10.10 -5.79
N ALA B 49 5.17 11.41 -6.00
CA ALA B 49 4.87 12.36 -4.93
C ALA B 49 3.38 12.45 -4.65
N GLU B 50 2.52 12.03 -5.57
CA GLU B 50 1.08 11.99 -5.35
C GLU B 50 0.61 10.68 -4.73
N ILE B 51 1.49 9.69 -4.61
CA ILE B 51 1.13 8.38 -4.11
C ILE B 51 1.70 8.14 -2.71
N THR B 52 2.88 8.67 -2.43
CA THR B 52 3.53 8.43 -1.14
C THR B 52 3.17 9.46 -0.09
N ASN B 53 2.38 10.48 -0.44
CA ASN B 53 2.09 11.59 0.52
C ASN B 53 0.62 12.01 0.49
N GLU B 54 -0.22 11.50 -0.42
CA GLU B 54 -1.58 11.99 -0.53
C GLU B 54 -2.59 10.85 -0.53
N ILE B 55 -2.20 9.72 -1.11
CA ILE B 55 -3.11 8.58 -1.25
C ILE B 55 -2.83 7.56 -0.16
N PHE B 56 -1.63 7.00 -0.16
CA PHE B 56 -1.30 5.94 0.79
C PHE B 56 -1.52 6.33 2.24
N PRO B 57 -1.18 7.54 2.70
CA PRO B 57 -1.42 7.86 4.12
C PRO B 57 -2.87 7.72 4.53
N VAL B 58 -3.81 7.89 3.60
CA VAL B 58 -5.22 7.82 3.96
C VAL B 58 -5.60 6.44 4.47
N TRP B 59 -4.86 5.40 4.08
CA TRP B 59 -5.19 4.06 4.55
C TRP B 59 -5.11 3.98 6.07
N THR B 60 -3.99 4.42 6.64
CA THR B 60 -3.83 4.31 8.10
C THR B 60 -4.79 5.23 8.83
N TYR B 61 -5.12 6.39 8.26
CA TYR B 61 -6.09 7.26 8.90
C TYR B 61 -7.45 6.57 9.00
N SER B 62 -7.89 5.91 7.92
CA SER B 62 -9.17 5.23 7.95
C SER B 62 -9.11 3.94 8.75
N TYR B 63 -8.00 3.21 8.66
CA TYR B 63 -7.85 1.99 9.44
C TYR B 63 -8.05 2.27 10.93
N LEU B 64 -7.42 3.32 11.44
CA LEU B 64 -7.51 3.61 12.87
C LEU B 64 -8.93 4.02 13.25
N VAL B 65 -9.57 4.87 12.45
CA VAL B 65 -10.91 5.34 12.79
C VAL B 65 -11.87 4.17 12.84
N LEU B 66 -11.86 3.33 11.81
CA LEU B 66 -12.78 2.19 11.72
C LEU B 66 -12.18 0.93 12.30
N LEU B 67 -11.67 1.00 13.52
CA LEU B 67 -11.18 -0.18 14.23
C LEU B 67 -12.01 -0.48 15.47
N LEU B 68 -12.19 0.49 16.37
CA LEU B 68 -13.13 0.30 17.47
C LEU B 68 -14.56 0.18 16.98
N PRO B 69 -15.06 1.05 16.09
CA PRO B 69 -16.46 0.92 15.65
C PRO B 69 -16.75 -0.40 14.98
N VAL B 70 -15.77 -1.03 14.33
CA VAL B 70 -16.00 -2.31 13.68
C VAL B 70 -15.75 -3.47 14.63
N PHE B 71 -14.86 -3.30 15.61
CA PHE B 71 -14.70 -4.35 16.61
C PHE B 71 -15.96 -4.48 17.48
N VAL B 72 -16.53 -3.34 17.89
CA VAL B 72 -17.73 -3.38 18.72
C VAL B 72 -18.93 -3.85 17.91
N LEU B 73 -19.05 -3.38 16.66
CA LEU B 73 -20.16 -3.82 15.82
C LEU B 73 -20.07 -5.32 15.56
N THR B 74 -18.86 -5.82 15.31
CA THR B 74 -18.72 -7.21 14.89
C THR B 74 -19.41 -8.15 15.86
N ASP B 75 -19.59 -7.75 17.11
CA ASP B 75 -20.17 -8.62 18.12
C ASP B 75 -21.57 -8.21 18.54
N TYR B 76 -21.96 -6.95 18.36
CA TYR B 76 -23.37 -6.54 18.61
C TYR B 76 -24.18 -7.27 17.56
N VAL B 77 -23.57 -7.52 16.39
CA VAL B 77 -24.19 -8.34 15.31
C VAL B 77 -23.37 -9.64 15.33
N ARG B 78 -23.66 -10.61 14.47
CA ARG B 78 -22.84 -11.87 14.38
C ARG B 78 -21.49 -11.51 13.74
N TYR B 79 -20.57 -12.47 13.60
CA TYR B 79 -19.27 -12.24 12.95
C TYR B 79 -19.45 -12.37 11.43
N LYS B 80 -20.37 -13.24 11.00
CA LYS B 80 -20.66 -13.46 9.55
C LYS B 80 -21.16 -12.16 8.92
N PRO B 81 -22.12 -11.41 9.52
CA PRO B 81 -22.53 -10.12 8.97
C PRO B 81 -21.35 -9.20 8.61
N VAL B 82 -20.34 -9.09 9.47
CA VAL B 82 -19.15 -8.22 9.23
C VAL B 82 -18.25 -8.89 8.19
N ILE B 83 -18.24 -10.22 8.11
CA ILE B 83 -17.47 -10.95 7.06
C ILE B 83 -18.13 -10.60 5.71
N ILE B 84 -19.45 -10.45 5.69
CA ILE B 84 -20.21 -10.07 4.46
C ILE B 84 -19.97 -8.58 4.20
N LEU B 85 -19.78 -7.78 5.24
CA LEU B 85 -19.48 -6.33 5.12
C LEU B 85 -18.06 -6.18 4.58
N GLN B 86 -17.17 -7.13 4.89
CA GLN B 86 -15.76 -7.13 4.41
C GLN B 86 -15.74 -7.62 2.96
N GLY B 87 -16.69 -8.48 2.57
CA GLY B 87 -16.76 -9.02 1.20
C GLY B 87 -17.24 -7.98 0.21
N ILE B 88 -18.21 -7.16 0.60
CA ILE B 88 -18.73 -6.08 -0.24
C ILE B 88 -17.69 -4.98 -0.39
N SER B 89 -16.99 -4.66 0.71
CA SER B 89 -15.93 -3.61 0.70
C SER B 89 -14.73 -4.11 -0.11
N PHE B 90 -14.58 -5.43 -0.32
CA PHE B 90 -13.51 -5.98 -1.19
C PHE B 90 -13.85 -5.66 -2.65
N ILE B 91 -15.13 -5.65 -2.99
CA ILE B 91 -15.58 -5.52 -4.41
C ILE B 91 -15.69 -4.04 -4.79
N ILE B 92 -15.99 -3.15 -3.85
CA ILE B 92 -16.01 -1.73 -4.14
C ILE B 92 -14.57 -1.29 -4.31
N THR B 93 -13.72 -1.57 -3.33
CA THR B 93 -12.36 -1.10 -3.41
C THR B 93 -11.71 -1.50 -4.71
N TRP B 94 -11.97 -2.71 -5.20
CA TRP B 94 -11.31 -3.18 -6.41
C TRP B 94 -12.14 -2.88 -7.63
N LEU B 95 -13.23 -2.14 -7.49
CA LEU B 95 -13.97 -1.72 -8.67
C LEU B 95 -13.56 -0.29 -8.92
N LEU B 96 -13.36 0.50 -7.87
CA LEU B 96 -12.81 1.83 -8.09
C LEU B 96 -11.36 1.77 -8.53
N LEU B 97 -10.59 0.78 -8.05
CA LEU B 97 -9.22 0.63 -8.49
C LEU B 97 -9.12 0.19 -9.95
N LEU B 98 -10.21 -0.28 -10.54
CA LEU B 98 -10.23 -0.62 -11.96
C LEU B 98 -10.49 0.62 -12.81
N PHE B 99 -11.62 1.29 -12.55
CA PHE B 99 -12.04 2.42 -13.36
C PHE B 99 -11.84 3.76 -12.70
N GLY B 100 -11.85 3.84 -11.38
CA GLY B 100 -11.65 5.12 -10.71
C GLY B 100 -10.29 5.71 -10.99
N GLN B 101 -10.25 6.95 -11.47
CA GLN B 101 -9.01 7.63 -11.79
C GLN B 101 -9.01 9.02 -11.17
N GLY B 102 -7.82 9.52 -10.89
CA GLY B 102 -7.64 10.80 -10.24
C GLY B 102 -6.71 10.64 -9.05
N VAL B 103 -6.70 11.66 -8.19
CA VAL B 103 -6.00 11.57 -6.92
C VAL B 103 -7.05 11.60 -5.81
N LYS B 104 -8.19 12.23 -6.10
CA LYS B 104 -9.26 12.28 -5.11
C LYS B 104 -9.95 10.93 -4.99
N THR B 105 -10.19 10.26 -6.12
CA THR B 105 -10.84 8.95 -6.07
C THR B 105 -9.99 7.94 -5.32
N MET B 106 -8.68 7.92 -5.55
CA MET B 106 -7.85 6.94 -4.86
C MET B 106 -7.86 7.17 -3.36
N GLN B 107 -8.12 8.41 -2.91
CA GLN B 107 -8.28 8.62 -1.48
C GLN B 107 -9.49 7.87 -0.95
N VAL B 108 -10.59 7.87 -1.69
CA VAL B 108 -11.75 7.09 -1.29
C VAL B 108 -11.43 5.60 -1.30
N VAL B 109 -10.73 5.15 -2.34
CA VAL B 109 -10.39 3.72 -2.43
C VAL B 109 -9.67 3.27 -1.19
N GLU B 110 -8.68 4.05 -0.73
CA GLU B 110 -7.95 3.67 0.47
C GLU B 110 -8.90 3.56 1.66
N PHE B 111 -9.83 4.50 1.80
CA PHE B 111 -10.75 4.46 2.93
C PHE B 111 -11.56 3.18 2.92
N PHE B 112 -12.10 2.80 1.75
CA PHE B 112 -12.81 1.53 1.67
C PHE B 112 -11.87 0.37 1.98
N TYR B 113 -10.63 0.44 1.52
CA TYR B 113 -9.66 -0.58 1.91
C TYR B 113 -9.43 -0.56 3.41
N GLY B 114 -9.75 0.54 4.08
CA GLY B 114 -9.72 0.53 5.54
C GLY B 114 -10.70 -0.47 6.11
N MET B 115 -11.93 -0.48 5.58
CA MET B 115 -12.90 -1.48 6.03
C MET B 115 -12.45 -2.88 5.68
N VAL B 116 -11.84 -3.06 4.50
CA VAL B 116 -11.45 -4.39 4.05
C VAL B 116 -10.56 -5.05 5.08
N THR B 117 -9.56 -4.31 5.59
CA THR B 117 -8.61 -4.87 6.52
C THR B 117 -8.94 -4.58 7.97
N ALA B 118 -9.80 -3.60 8.24
CA ALA B 118 -10.23 -3.36 9.62
C ALA B 118 -11.35 -4.28 10.05
N ALA B 119 -12.02 -4.94 9.10
CA ALA B 119 -12.98 -5.98 9.41
C ALA B 119 -12.34 -7.36 9.48
N GLU B 120 -11.02 -7.44 9.32
CA GLU B 120 -10.32 -8.71 9.42
C GLU B 120 -10.43 -9.32 10.80
N VAL B 121 -10.73 -8.52 11.82
CA VAL B 121 -10.92 -9.09 13.16
C VAL B 121 -12.10 -10.04 13.16
N ALA B 122 -13.15 -9.72 12.41
CA ALA B 122 -14.36 -10.54 12.39
C ALA B 122 -14.19 -11.84 11.61
N TYR B 123 -13.09 -12.00 10.86
CA TYR B 123 -12.89 -13.24 10.12
C TYR B 123 -12.22 -14.31 10.97
N TYR B 124 -11.18 -13.93 11.73
CA TYR B 124 -10.52 -14.91 12.59
C TYR B 124 -11.41 -15.27 13.78
N ALA B 125 -12.00 -14.27 14.43
CA ALA B 125 -12.77 -14.51 15.63
C ALA B 125 -14.08 -15.26 15.37
N TYR B 126 -14.50 -15.38 14.11
CA TYR B 126 -15.76 -16.05 13.83
C TYR B 126 -15.72 -17.50 14.28
N ILE B 127 -14.61 -18.19 14.02
CA ILE B 127 -14.56 -19.63 14.25
C ILE B 127 -14.81 -19.97 15.70
N TYR B 128 -14.46 -19.06 16.63
CA TYR B 128 -14.59 -19.40 18.04
C TYR B 128 -16.04 -19.65 18.44
N SER B 129 -16.98 -18.93 17.83
CA SER B 129 -18.37 -18.98 18.29
C SER B 129 -19.12 -20.20 17.80
N VAL B 130 -18.87 -20.64 16.57
CA VAL B 130 -19.67 -21.69 15.95
C VAL B 130 -19.06 -23.07 16.09
N VAL B 131 -17.76 -23.17 16.40
CA VAL B 131 -17.06 -24.44 16.48
C VAL B 131 -16.94 -24.84 17.94
N SER B 132 -16.97 -26.14 18.19
CA SER B 132 -16.87 -26.63 19.55
C SER B 132 -15.54 -26.19 20.16
N PRO B 133 -15.50 -25.88 21.45
CA PRO B 133 -14.29 -25.27 22.02
C PRO B 133 -13.06 -26.13 21.89
N GLU B 134 -13.20 -27.46 21.94
CA GLU B 134 -12.02 -28.32 21.89
C GLU B 134 -11.32 -28.25 20.54
N HIS B 135 -12.08 -28.11 19.45
CA HIS B 135 -11.50 -27.90 18.12
C HIS B 135 -11.38 -26.40 17.82
N TYR B 136 -10.49 -25.75 18.56
CA TYR B 136 -10.18 -24.34 18.32
C TYR B 136 -8.76 -24.12 17.83
N GLN B 137 -7.77 -24.53 18.63
CA GLN B 137 -6.33 -24.39 18.28
C GLN B 137 -6.07 -25.07 16.93
N ARG B 138 -6.56 -26.29 16.73
CA ARG B 138 -6.38 -27.03 15.48
C ARG B 138 -7.06 -26.31 14.33
N VAL B 139 -8.28 -25.81 14.56
CA VAL B 139 -9.03 -25.17 13.48
C VAL B 139 -8.43 -23.81 13.15
N SER B 140 -8.00 -23.06 14.15
CA SER B 140 -7.42 -21.74 13.89
C SER B 140 -6.24 -21.85 12.92
N GLY B 141 -5.46 -22.92 13.01
CA GLY B 141 -4.38 -23.10 12.07
C GLY B 141 -4.86 -23.26 10.64
N TYR B 142 -5.95 -24.00 10.44
CA TYR B 142 -6.49 -24.17 9.11
C TYR B 142 -6.90 -22.83 8.50
N CYS B 143 -7.53 -21.97 9.29
CA CYS B 143 -8.01 -20.69 8.82
C CYS B 143 -6.92 -19.61 8.81
N ARG B 144 -5.72 -19.93 9.30
CA ARG B 144 -4.58 -19.02 9.23
C ARG B 144 -3.54 -19.46 8.21
N SER B 145 -3.23 -20.75 8.18
CA SER B 145 -2.24 -21.32 7.24
C SER B 145 -2.79 -21.20 5.81
N VAL B 146 -4.11 -21.26 5.63
CA VAL B 146 -4.70 -21.16 4.30
C VAL B 146 -4.52 -19.75 3.74
N THR B 147 -4.66 -18.74 4.59
CA THR B 147 -4.50 -17.36 4.12
C THR B 147 -3.11 -17.13 3.54
N LEU B 148 -2.07 -17.58 4.23
CA LEU B 148 -0.72 -17.41 3.72
C LEU B 148 -0.54 -18.16 2.40
N ALA B 149 -1.09 -19.37 2.31
CA ALA B 149 -1.03 -20.09 1.05
C ALA B 149 -1.71 -19.33 -0.07
N ALA B 150 -2.80 -18.63 0.24
CA ALA B 150 -3.49 -17.86 -0.79
C ALA B 150 -2.61 -16.73 -1.31
N TYR B 151 -2.07 -15.92 -0.40
CA TYR B 151 -1.26 -14.76 -0.83
C TYR B 151 -0.01 -15.22 -1.55
N THR B 152 0.66 -16.26 -1.04
CA THR B 152 1.83 -16.79 -1.72
C THR B 152 1.47 -17.33 -3.10
N ALA B 153 0.34 -18.05 -3.19
CA ALA B 153 -0.09 -18.54 -4.49
C ALA B 153 -0.47 -17.37 -5.41
N GLY B 154 -1.08 -16.34 -4.85
CA GLY B 154 -1.45 -15.20 -5.66
C GLY B 154 -0.25 -14.46 -6.22
N SER B 155 0.74 -14.18 -5.36
CA SER B 155 1.89 -13.41 -5.80
C SER B 155 2.68 -14.16 -6.86
N VAL B 156 2.90 -15.47 -6.66
CA VAL B 156 3.61 -16.26 -7.67
C VAL B 156 2.88 -16.19 -9.00
N LEU B 157 1.54 -16.29 -8.97
CA LEU B 157 0.78 -16.21 -10.19
C LEU B 157 0.98 -14.88 -10.90
N ALA B 158 1.13 -13.80 -10.14
CA ALA B 158 1.31 -12.50 -10.77
C ALA B 158 2.61 -12.44 -11.55
N GLN B 159 3.74 -12.79 -10.93
CA GLN B 159 5.01 -12.69 -11.61
C GLN B 159 5.19 -13.79 -12.66
N LEU B 160 4.59 -14.96 -12.44
CA LEU B 160 4.69 -16.03 -13.42
C LEU B 160 3.83 -15.80 -14.65
N LEU B 161 2.97 -14.78 -14.63
CA LEU B 161 2.19 -14.39 -15.79
C LEU B 161 2.74 -13.14 -16.48
N VAL B 162 3.05 -12.09 -15.71
CA VAL B 162 3.60 -10.88 -16.31
C VAL B 162 4.89 -11.16 -17.04
N SER B 163 5.60 -12.22 -16.65
CA SER B 163 6.89 -12.55 -17.25
C SER B 163 6.79 -13.43 -18.48
N LEU B 164 5.89 -14.42 -18.48
CA LEU B 164 5.77 -15.32 -19.62
C LEU B 164 4.55 -15.04 -20.48
N ALA B 165 3.49 -14.45 -19.93
CA ALA B 165 2.27 -14.20 -20.69
C ALA B 165 2.18 -12.79 -21.24
N GLN B 166 3.00 -11.86 -20.76
CA GLN B 166 3.00 -10.49 -21.26
C GLN B 166 1.67 -9.81 -21.00
N MET B 167 1.01 -10.19 -19.90
CA MET B 167 -0.32 -9.69 -19.60
C MET B 167 -0.21 -8.34 -18.90
N SER B 168 -0.85 -7.32 -19.46
CA SER B 168 -0.77 -5.97 -18.94
C SER B 168 -1.22 -5.92 -17.49
N TYR B 169 -0.75 -4.92 -16.74
CA TYR B 169 -1.07 -4.85 -15.33
C TYR B 169 -2.58 -4.73 -15.11
N PHE B 170 -3.31 -4.16 -16.06
CA PHE B 170 -4.74 -4.00 -15.88
C PHE B 170 -5.43 -5.35 -15.74
N TYR B 171 -5.02 -6.33 -16.55
CA TYR B 171 -5.61 -7.67 -16.42
C TYR B 171 -4.92 -8.43 -15.30
N LEU B 172 -4.77 -7.79 -14.15
CA LEU B 172 -4.39 -8.46 -12.91
C LEU B 172 -5.40 -8.06 -11.85
N ASN B 173 -5.86 -6.81 -11.91
CA ASN B 173 -6.93 -6.40 -11.01
C ASN B 173 -8.26 -7.01 -11.44
N VAL B 174 -8.44 -7.28 -12.73
CA VAL B 174 -9.63 -8.00 -13.18
C VAL B 174 -9.65 -9.38 -12.54
N ILE B 175 -8.51 -10.08 -12.55
CA ILE B 175 -8.43 -11.36 -11.86
C ILE B 175 -8.64 -11.16 -10.36
N SER B 176 -8.03 -10.12 -9.79
CA SER B 176 -8.22 -9.85 -8.37
C SER B 176 -9.69 -9.60 -8.06
N LEU B 177 -10.36 -8.79 -8.88
CA LEU B 177 -11.78 -8.55 -8.65
C LEU B 177 -12.59 -9.83 -8.79
N ALA B 178 -12.28 -10.64 -9.79
CA ALA B 178 -12.97 -11.92 -9.93
C ALA B 178 -12.71 -12.80 -8.72
N SER B 179 -11.49 -12.76 -8.18
CA SER B 179 -11.17 -13.59 -7.02
C SER B 179 -11.99 -13.16 -5.80
N VAL B 180 -11.99 -11.87 -5.48
CA VAL B 180 -12.75 -11.41 -4.32
C VAL B 180 -14.25 -11.53 -4.57
N SER B 181 -14.66 -11.36 -5.83
CA SER B 181 -16.07 -11.52 -6.16
C SER B 181 -16.56 -12.94 -5.92
N VAL B 182 -15.67 -13.93 -5.95
CA VAL B 182 -16.07 -15.29 -5.61
C VAL B 182 -15.83 -15.59 -4.13
N ALA B 183 -14.96 -14.83 -3.48
CA ALA B 183 -14.87 -14.91 -2.03
C ALA B 183 -16.18 -14.45 -1.40
N PHE B 184 -16.77 -13.40 -1.94
CA PHE B 184 -18.05 -12.93 -1.41
C PHE B 184 -19.13 -13.99 -1.55
N LEU B 185 -19.22 -14.64 -2.72
CA LEU B 185 -20.32 -15.58 -2.94
C LEU B 185 -20.34 -16.64 -1.86
N PHE B 186 -19.17 -17.04 -1.34
CA PHE B 186 -19.15 -17.98 -0.23
C PHE B 186 -19.48 -17.31 1.09
N SER B 187 -19.11 -16.05 1.27
CA SER B 187 -19.28 -15.38 2.55
C SER B 187 -20.72 -15.35 3.02
N LEU B 188 -21.69 -15.77 2.20
CA LEU B 188 -23.07 -15.82 2.62
C LEU B 188 -23.48 -17.17 3.20
N PHE B 189 -22.64 -18.19 3.10
CA PHE B 189 -23.07 -19.55 3.42
C PHE B 189 -22.60 -20.05 4.78
N LEU B 190 -21.72 -19.32 5.46
CA LEU B 190 -21.32 -19.74 6.80
C LEU B 190 -22.57 -19.82 7.68
N PRO B 191 -22.64 -20.77 8.60
CA PRO B 191 -23.79 -20.77 9.52
C PRO B 191 -23.80 -19.50 10.33
N MET B 192 -24.98 -18.90 10.55
CA MET B 192 -25.04 -17.63 11.32
C MET B 192 -24.83 -17.98 12.80
N PRO B 193 -23.69 -17.59 13.42
CA PRO B 193 -23.39 -17.98 14.81
C PRO B 193 -24.53 -17.61 15.75
N LYS B 194 -24.73 -18.43 16.77
CA LYS B 194 -25.82 -18.22 17.71
C LYS B 194 -25.37 -17.73 19.09
N LYS B 195 -24.10 -17.40 19.27
CA LYS B 195 -23.62 -16.84 20.53
C LYS B 195 -22.38 -15.99 20.27
N SER B 196 -22.38 -14.78 20.79
CA SER B 196 -21.24 -13.88 20.65
C SER B 196 -20.31 -14.04 21.86
N MET B 197 -19.29 -13.18 21.93
CA MET B 197 -18.38 -13.22 23.08
C MET B 197 -18.88 -12.33 24.21
N PHE B 198 -19.16 -11.06 23.92
CA PHE B 198 -19.44 -10.07 24.96
C PHE B 198 -20.89 -9.62 25.01
N PHE B 199 -21.54 -9.42 23.87
CA PHE B 199 -22.87 -8.84 23.88
C PHE B 199 -23.97 -9.91 23.98
N HIS B 200 -23.79 -11.05 23.32
CA HIS B 200 -24.84 -12.07 23.24
C HIS B 200 -24.48 -13.37 23.93
N ALA B 201 -23.38 -13.42 24.68
CA ALA B 201 -22.99 -14.65 25.37
C ALA B 201 -24.05 -15.06 26.40
N GLU B 271 -6.70 -3.95 33.87
CA GLU B 271 -6.44 -4.68 35.11
C GLU B 271 -5.52 -5.86 34.85
N CYS B 272 -5.86 -6.66 33.84
CA CYS B 272 -5.04 -7.83 33.51
C CYS B 272 -3.64 -7.42 33.09
N TYR B 273 -3.48 -6.17 32.64
CA TYR B 273 -2.16 -5.70 32.21
C TYR B 273 -1.20 -5.53 33.39
N SER B 274 -1.70 -5.64 34.63
CA SER B 274 -0.82 -5.45 35.78
C SER B 274 0.34 -6.44 35.77
N SER B 275 0.15 -7.63 35.18
CA SER B 275 1.23 -8.59 35.10
C SER B 275 2.42 -7.99 34.37
N LYS B 276 3.61 -8.20 34.93
CA LYS B 276 4.81 -7.62 34.34
C LYS B 276 5.03 -8.11 32.91
N ARG B 277 4.87 -9.42 32.69
CA ARG B 277 5.18 -9.98 31.37
C ARG B 277 4.20 -9.46 30.31
N LEU B 278 2.92 -9.35 30.65
CA LEU B 278 1.93 -8.96 29.65
C LEU B 278 2.18 -7.54 29.15
N PHE B 279 2.42 -6.59 30.05
CA PHE B 279 2.64 -5.21 29.61
C PHE B 279 3.91 -5.11 28.78
N TYR B 280 5.01 -5.66 29.29
CA TYR B 280 6.28 -5.57 28.60
C TYR B 280 6.24 -6.27 27.25
N TRP B 281 5.74 -7.50 27.22
CA TRP B 281 5.69 -8.21 25.95
C TRP B 281 4.74 -7.54 24.98
N SER B 282 3.60 -7.05 25.48
CA SER B 282 2.64 -6.40 24.60
C SER B 282 3.17 -5.09 24.04
N LEU B 283 3.89 -4.32 24.84
CA LEU B 283 4.43 -3.05 24.33
C LEU B 283 5.29 -3.29 23.10
N TRP B 284 6.15 -4.30 23.14
CA TRP B 284 6.99 -4.58 21.98
C TRP B 284 6.16 -5.01 20.79
N TRP B 285 5.09 -5.78 21.03
CA TRP B 285 4.22 -6.16 19.93
C TRP B 285 3.58 -4.93 19.28
N ALA B 286 3.17 -3.97 20.11
CA ALA B 286 2.58 -2.76 19.56
C ALA B 286 3.60 -1.97 18.74
N PHE B 287 4.79 -1.73 19.31
CA PHE B 287 5.78 -0.95 18.58
C PHE B 287 6.24 -1.66 17.33
N ALA B 288 6.57 -2.94 17.45
CA ALA B 288 7.14 -3.67 16.32
C ALA B 288 6.18 -3.75 15.15
N THR B 289 4.90 -4.02 15.43
CA THR B 289 3.93 -4.09 14.33
C THR B 289 3.66 -2.71 13.75
N ALA B 290 3.72 -1.66 14.55
CA ALA B 290 3.48 -0.32 14.03
C ALA B 290 4.50 0.02 12.96
N GLY B 291 5.76 -0.33 13.19
CA GLY B 291 6.78 -0.09 12.19
C GLY B 291 6.67 -1.03 10.99
N PHE B 292 6.12 -2.23 11.20
CA PHE B 292 6.03 -3.17 10.10
C PHE B 292 4.91 -2.81 9.13
N ASN B 293 3.76 -2.39 9.66
CA ASN B 293 2.61 -2.01 8.80
C ASN B 293 3.05 -0.83 7.93
N GLN B 294 3.88 0.07 8.47
CA GLN B 294 4.36 1.27 7.75
C GLN B 294 5.31 0.83 6.65
N VAL B 295 6.30 -0.02 6.96
CA VAL B 295 7.28 -0.49 5.95
C VAL B 295 6.47 -1.17 4.84
N LEU B 296 5.67 -2.17 5.18
CA LEU B 296 4.92 -2.94 4.17
C LEU B 296 4.12 -1.96 3.31
N ASN B 297 3.74 -0.78 3.84
CA ASN B 297 2.98 0.19 3.06
C ASN B 297 3.88 0.90 2.06
N TYR B 298 4.90 1.60 2.55
CA TYR B 298 5.84 2.34 1.71
C TYR B 298 7.12 1.54 1.48
N VAL B 299 6.99 0.34 0.92
CA VAL B 299 8.17 -0.43 0.52
C VAL B 299 7.98 -0.96 -0.89
N GLN B 300 7.03 -0.39 -1.61
CA GLN B 300 6.91 -0.63 -3.03
C GLN B 300 7.30 0.57 -3.87
N ILE B 301 7.18 1.77 -3.32
CA ILE B 301 7.70 2.95 -4.00
C ILE B 301 9.21 2.89 -4.07
N LEU B 302 9.85 2.35 -3.03
CA LEU B 302 11.30 2.30 -3.01
C LEU B 302 11.85 1.47 -4.16
N TRP B 303 11.26 0.31 -4.41
CA TRP B 303 11.71 -0.52 -5.52
C TRP B 303 11.55 0.22 -6.85
N ASP B 304 10.42 0.91 -7.00
CA ASP B 304 10.14 1.72 -8.20
C ASP B 304 11.17 2.85 -8.26
N TYR B 305 11.52 3.44 -7.11
CA TYR B 305 12.46 4.56 -7.08
C TYR B 305 13.85 4.12 -7.53
N LYS B 306 14.30 2.95 -7.07
CA LYS B 306 15.65 2.51 -7.39
C LYS B 306 15.75 1.99 -8.82
N ALA B 307 14.68 1.43 -9.36
CA ALA B 307 14.67 0.91 -10.72
C ALA B 307 13.27 1.14 -11.28
N PRO B 308 13.06 2.20 -12.06
CA PRO B 308 11.70 2.50 -12.53
C PRO B 308 11.11 1.33 -13.32
N SER B 309 9.80 1.13 -13.15
CA SER B 309 9.11 0.02 -13.79
C SER B 309 9.09 0.14 -15.30
N GLN B 310 9.22 1.35 -15.84
CA GLN B 310 9.15 1.54 -17.29
C GLN B 310 10.50 1.36 -17.98
N ASP B 311 11.59 1.20 -17.22
CA ASP B 311 12.92 1.07 -17.80
C ASP B 311 13.51 -0.33 -17.68
N SER B 312 13.13 -1.09 -16.65
CA SER B 312 13.66 -2.41 -16.42
C SER B 312 12.57 -3.32 -15.88
N SER B 313 12.77 -4.62 -16.07
CA SER B 313 11.84 -5.60 -15.51
C SER B 313 11.89 -5.55 -13.99
N ILE B 314 10.74 -5.79 -13.37
CA ILE B 314 10.59 -5.70 -11.92
C ILE B 314 10.04 -7.03 -11.41
N TYR B 315 10.74 -7.61 -10.44
CA TYR B 315 10.32 -8.88 -9.84
C TYR B 315 9.56 -8.63 -8.53
N ASN B 316 8.50 -7.82 -8.63
CA ASN B 316 7.71 -7.52 -7.44
C ASN B 316 6.96 -8.75 -6.95
N GLY B 317 6.50 -9.61 -7.85
CA GLY B 317 5.73 -10.77 -7.46
C GLY B 317 6.59 -11.87 -6.86
N ALA B 318 7.71 -12.18 -7.52
CA ALA B 318 8.59 -13.22 -7.00
C ALA B 318 9.14 -12.84 -5.64
N VAL B 319 9.48 -11.57 -5.44
CA VAL B 319 10.03 -11.14 -4.17
C VAL B 319 8.98 -11.29 -3.06
N GLU B 320 7.76 -10.85 -3.33
CA GLU B 320 6.72 -10.95 -2.31
C GLU B 320 6.42 -12.41 -1.98
N ALA B 321 6.33 -13.27 -2.99
CA ALA B 321 6.05 -14.68 -2.75
C ALA B 321 7.15 -15.33 -1.93
N ILE B 322 8.41 -15.08 -2.29
CA ILE B 322 9.51 -15.63 -1.52
C ILE B 322 9.54 -14.98 -0.14
N ALA B 323 9.28 -13.67 -0.07
CA ALA B 323 9.28 -12.99 1.22
C ALA B 323 8.21 -13.57 2.15
N THR B 324 6.97 -13.70 1.65
CA THR B 324 5.91 -14.25 2.48
C THR B 324 6.22 -15.68 2.90
N PHE B 325 6.70 -16.50 1.95
CA PHE B 325 7.11 -17.85 2.29
C PHE B 325 8.23 -17.82 3.32
N GLY B 326 9.18 -16.90 3.16
CA GLY B 326 10.22 -16.74 4.16
C GLY B 326 9.64 -16.44 5.54
N GLY B 327 8.61 -15.60 5.58
CA GLY B 327 7.95 -15.34 6.85
C GLY B 327 7.23 -16.55 7.39
N ALA B 328 6.54 -17.30 6.53
CA ALA B 328 5.76 -18.44 6.98
C ALA B 328 6.66 -19.49 7.62
N VAL B 329 7.80 -19.78 6.98
CA VAL B 329 8.72 -20.77 7.54
C VAL B 329 9.27 -20.29 8.87
N ALA B 330 9.58 -19.00 8.95
CA ALA B 330 10.12 -18.46 10.20
C ALA B 330 9.12 -18.64 11.34
N ALA B 331 7.85 -18.33 11.09
CA ALA B 331 6.84 -18.50 12.13
C ALA B 331 6.71 -19.95 12.55
N PHE B 332 6.76 -20.86 11.58
CA PHE B 332 6.64 -22.32 11.85
C PHE B 332 7.83 -22.78 12.68
N ALA B 333 9.03 -22.29 12.39
CA ALA B 333 10.22 -22.75 13.10
C ALA B 333 10.15 -22.37 14.57
N VAL B 334 9.70 -21.15 14.86
CA VAL B 334 9.58 -20.71 16.25
C VAL B 334 8.63 -21.62 17.01
N GLY B 335 7.68 -22.24 16.31
CA GLY B 335 6.75 -23.14 16.94
C GLY B 335 7.26 -24.54 17.18
N TYR B 336 8.45 -24.88 16.70
CA TYR B 336 9.03 -26.20 16.92
C TYR B 336 10.16 -26.20 17.92
N VAL B 337 11.13 -25.29 17.78
CA VAL B 337 12.27 -25.29 18.69
C VAL B 337 11.77 -25.00 20.10
N LYS B 338 12.13 -25.89 21.04
CA LYS B 338 11.66 -25.77 22.42
C LYS B 338 12.78 -25.12 23.23
N VAL B 339 12.64 -23.82 23.45
CA VAL B 339 13.55 -23.04 24.30
C VAL B 339 12.71 -22.14 25.18
N ASN B 340 13.01 -22.13 26.47
CA ASN B 340 12.25 -21.30 27.40
C ASN B 340 12.40 -19.84 27.01
N TRP B 341 11.31 -19.23 26.52
CA TRP B 341 11.35 -17.85 26.06
C TRP B 341 11.14 -16.87 27.22
N ASP B 342 11.91 -17.07 28.29
CA ASP B 342 11.91 -16.18 29.44
C ASP B 342 13.30 -15.63 29.74
N LEU B 343 14.32 -16.49 29.77
CA LEU B 343 15.68 -16.03 29.97
C LEU B 343 16.36 -15.65 28.66
N LEU B 344 15.95 -16.27 27.56
CA LEU B 344 16.48 -15.98 26.24
C LEU B 344 15.44 -15.30 25.35
N GLY B 345 14.48 -14.60 25.94
CA GLY B 345 13.47 -13.90 25.16
C GLY B 345 13.90 -12.49 24.80
N GLU B 346 14.28 -11.70 25.81
CA GLU B 346 14.65 -10.31 25.54
C GLU B 346 15.86 -10.24 24.62
N LEU B 347 16.90 -11.03 24.92
CA LEU B 347 18.09 -11.01 24.07
C LEU B 347 17.77 -11.52 22.69
N ALA B 348 16.98 -12.59 22.59
CA ALA B 348 16.51 -13.06 21.30
C ALA B 348 15.50 -12.12 20.68
N LEU B 349 15.00 -11.14 21.44
CA LEU B 349 14.12 -10.12 20.87
C LEU B 349 14.90 -8.92 20.36
N VAL B 350 15.87 -8.44 21.14
CA VAL B 350 16.71 -7.33 20.67
C VAL B 350 17.59 -7.78 19.51
N VAL B 351 18.14 -8.99 19.59
CA VAL B 351 19.04 -9.45 18.54
C VAL B 351 18.34 -9.45 17.20
N PHE B 352 17.08 -9.90 17.16
CA PHE B 352 16.33 -9.87 15.92
C PHE B 352 15.73 -8.51 15.63
N SER B 353 15.69 -7.61 16.62
CA SER B 353 15.25 -6.25 16.34
C SER B 353 16.32 -5.46 15.60
N VAL B 354 17.59 -5.67 15.96
CA VAL B 354 18.74 -4.97 15.31
C VAL B 354 19.02 -5.67 13.97
N VAL B 355 18.38 -6.81 13.70
CA VAL B 355 18.50 -7.50 12.38
C VAL B 355 17.59 -6.74 11.40
N ASN B 356 16.43 -6.26 11.87
CA ASN B 356 15.51 -5.46 11.09
C ASN B 356 16.07 -4.06 10.85
N ALA B 357 16.57 -3.42 11.91
CA ALA B 357 17.18 -2.10 11.73
C ALA B 357 18.43 -2.19 10.86
N GLY B 358 19.13 -3.32 10.91
CA GLY B 358 20.36 -3.53 10.13
C GLY B 358 19.98 -3.96 8.74
N SER B 359 18.77 -4.51 8.57
CA SER B 359 18.27 -4.90 7.25
C SER B 359 17.35 -3.85 6.65
N LEU B 360 17.12 -2.74 7.35
CA LEU B 360 16.34 -1.64 6.81
C LEU B 360 17.20 -0.54 6.23
N PHE B 361 18.36 -0.26 6.83
CA PHE B 361 19.30 0.67 6.22
C PHE B 361 19.77 0.16 4.86
N LEU B 362 19.92 -1.16 4.73
CA LEU B 362 20.38 -1.71 3.46
C LEU B 362 19.45 -1.32 2.32
N MET B 363 18.15 -1.17 2.61
CA MET B 363 17.22 -0.76 1.57
C MET B 363 17.56 0.63 1.04
N HIS B 364 17.98 1.54 1.91
CA HIS B 364 18.09 2.95 1.57
C HIS B 364 19.47 3.35 1.07
N TYR B 365 20.52 2.60 1.41
CA TYR B 365 21.89 3.01 1.09
C TYR B 365 22.47 2.33 -0.15
N THR B 366 21.74 1.43 -0.80
CA THR B 366 22.27 0.73 -1.96
C THR B 366 21.59 1.20 -3.23
N ALA B 367 22.35 1.23 -4.32
CA ALA B 367 21.80 1.52 -5.64
C ALA B 367 21.43 0.27 -6.42
N ASN B 368 22.11 -0.84 -6.16
CA ASN B 368 21.80 -2.09 -6.85
C ASN B 368 20.44 -2.61 -6.41
N ILE B 369 19.52 -2.70 -7.37
CA ILE B 369 18.15 -3.08 -7.04
C ILE B 369 18.11 -4.46 -6.39
N TRP B 370 18.95 -5.38 -6.86
CA TRP B 370 18.90 -6.74 -6.34
C TRP B 370 19.14 -6.77 -4.84
N ALA B 371 20.09 -5.97 -4.36
CA ALA B 371 20.33 -5.92 -2.92
C ALA B 371 19.09 -5.44 -2.17
N CYS B 372 18.33 -4.52 -2.79
CA CYS B 372 17.11 -3.93 -2.19
C CYS B 372 16.11 -5.04 -1.82
N TYR B 373 15.88 -6.02 -2.71
CA TYR B 373 15.00 -7.13 -2.41
C TYR B 373 15.54 -7.96 -1.26
N ALA B 374 16.85 -8.23 -1.28
CA ALA B 374 17.45 -9.04 -0.23
C ALA B 374 17.20 -8.45 1.14
N GLY B 375 17.19 -7.13 1.23
CA GLY B 375 16.83 -6.50 2.49
C GLY B 375 15.39 -6.80 2.88
N TYR B 376 14.48 -6.83 1.89
CA TYR B 376 13.09 -7.10 2.19
C TYR B 376 12.88 -8.57 2.56
N LEU B 377 13.64 -9.46 1.93
CA LEU B 377 13.56 -10.87 2.30
C LEU B 377 13.94 -11.07 3.76
N ILE B 378 15.02 -10.41 4.19
CA ILE B 378 15.45 -10.53 5.58
C ILE B 378 14.44 -9.88 6.52
N PHE B 379 14.00 -8.66 6.19
CA PHE B 379 13.17 -7.92 7.12
C PHE B 379 11.86 -8.64 7.41
N LYS B 380 11.16 -9.06 6.35
CA LYS B 380 9.87 -9.71 6.56
C LYS B 380 10.03 -11.02 7.31
N SER B 381 11.01 -11.83 6.92
CA SER B 381 11.23 -13.10 7.60
C SER B 381 11.70 -12.88 9.03
N SER B 382 12.64 -11.95 9.23
CA SER B 382 13.16 -11.71 10.57
C SER B 382 12.08 -11.15 11.49
N TYR B 383 11.34 -10.13 11.04
CA TYR B 383 10.31 -9.56 11.88
C TYR B 383 9.24 -10.60 12.20
N MET B 384 8.76 -11.31 11.18
CA MET B 384 7.73 -12.31 11.43
C MET B 384 8.22 -13.38 12.39
N LEU B 385 9.52 -13.56 12.51
CA LEU B 385 10.08 -14.45 13.51
C LEU B 385 10.05 -13.84 14.91
N LEU B 386 9.75 -12.55 15.04
CA LEU B 386 9.60 -11.91 16.34
C LEU B 386 8.15 -11.80 16.77
N ILE B 387 7.23 -11.54 15.84
CA ILE B 387 5.83 -11.44 16.22
C ILE B 387 5.36 -12.76 16.81
N THR B 388 5.89 -13.87 16.31
CA THR B 388 5.53 -15.17 16.87
C THR B 388 6.01 -15.29 18.31
N ILE B 389 7.23 -14.83 18.60
CA ILE B 389 7.69 -14.83 19.98
C ILE B 389 6.78 -13.98 20.84
N ALA B 390 6.46 -12.78 20.38
CA ALA B 390 5.58 -11.90 21.15
C ALA B 390 4.20 -12.52 21.32
N VAL B 391 3.65 -13.09 20.25
CA VAL B 391 2.33 -13.70 20.34
C VAL B 391 2.34 -14.87 21.32
N PHE B 392 3.39 -15.69 21.27
CA PHE B 392 3.46 -16.85 22.15
C PHE B 392 3.52 -16.43 23.61
N GLN B 393 4.31 -15.41 23.93
CA GLN B 393 4.47 -14.99 25.33
C GLN B 393 3.25 -14.24 25.83
N ILE B 394 2.59 -13.45 25.00
CA ILE B 394 1.42 -12.72 25.44
C ILE B 394 0.33 -13.69 25.88
N ALA B 395 0.09 -14.73 25.08
CA ALA B 395 -1.02 -15.66 25.32
C ALA B 395 -0.45 -16.94 25.93
N VAL B 396 -0.25 -16.91 27.24
CA VAL B 396 0.17 -18.10 27.99
C VAL B 396 -0.73 -18.40 29.17
N ASN B 397 -1.46 -17.43 29.71
CA ASN B 397 -2.42 -17.66 30.77
C ASN B 397 -3.80 -17.10 30.42
N LEU B 398 -4.00 -16.63 29.19
CA LEU B 398 -5.22 -15.95 28.79
C LEU B 398 -6.13 -16.93 28.06
N ASN B 399 -7.41 -16.92 28.46
CA ASN B 399 -8.41 -17.75 27.80
C ASN B 399 -8.88 -17.07 26.52
N VAL B 400 -9.66 -17.81 25.73
CA VAL B 400 -10.03 -17.34 24.40
C VAL B 400 -10.86 -16.06 24.50
N GLU B 401 -11.81 -16.00 25.44
CA GLU B 401 -12.63 -14.82 25.57
C GLU B 401 -11.77 -13.58 25.82
N ARG B 402 -10.61 -13.76 26.46
CA ARG B 402 -9.70 -12.64 26.80
C ARG B 402 -8.89 -12.24 25.56
N TYR B 403 -8.64 -13.16 24.62
CA TYR B 403 -7.84 -12.86 23.44
C TYR B 403 -8.31 -11.59 22.76
N ALA B 404 -9.61 -11.49 22.52
CA ALA B 404 -10.14 -10.40 21.73
C ALA B 404 -9.84 -9.04 22.36
N LEU B 405 -9.91 -8.95 23.69
CA LEU B 405 -9.69 -7.69 24.37
C LEU B 405 -8.24 -7.44 24.74
N VAL B 406 -7.33 -8.37 24.41
CA VAL B 406 -5.91 -8.13 24.57
C VAL B 406 -5.18 -8.01 23.24
N PHE B 407 -5.68 -8.65 22.18
CA PHE B 407 -5.21 -8.41 20.83
C PHE B 407 -6.07 -7.40 20.10
N GLY B 408 -7.08 -6.85 20.76
CA GLY B 408 -7.88 -5.79 20.18
C GLY B 408 -7.31 -4.44 20.57
N ILE B 409 -6.73 -4.36 21.77
CA ILE B 409 -6.13 -3.09 22.30
C ILE B 409 -4.64 -3.08 21.93
N ASN B 410 -4.11 -4.17 21.37
CA ASN B 410 -2.71 -4.23 20.86
C ASN B 410 -2.76 -3.76 19.41
N THR B 411 -3.76 -4.23 18.65
CA THR B 411 -3.99 -3.82 17.28
C THR B 411 -4.50 -2.39 17.18
N PHE B 412 -5.04 -1.83 18.26
CA PHE B 412 -5.49 -0.44 18.26
C PHE B 412 -4.42 0.51 18.76
N ILE B 413 -3.74 0.17 19.86
CA ILE B 413 -2.66 1.02 20.33
C ILE B 413 -1.56 1.10 19.29
N ALA B 414 -1.32 -0.01 18.59
CA ALA B 414 -0.28 -0.01 17.55
C ALA B 414 -0.63 0.92 16.40
N LEU B 415 -1.90 1.32 16.28
CA LEU B 415 -2.28 2.24 15.21
C LEU B 415 -2.19 3.70 15.61
N VAL B 416 -2.50 4.04 16.86
CA VAL B 416 -2.19 5.39 17.31
C VAL B 416 -0.73 5.68 17.10
N ILE B 417 0.13 4.66 17.20
CA ILE B 417 1.56 4.86 16.98
C ILE B 417 1.84 5.11 15.51
N GLN B 418 1.21 4.34 14.62
CA GLN B 418 1.45 4.56 13.20
C GLN B 418 0.91 5.90 12.77
N THR B 419 -0.33 6.22 13.15
CA THR B 419 -0.95 7.45 12.68
C THR B 419 -0.13 8.67 13.09
N ILE B 420 0.34 8.71 14.33
CA ILE B 420 1.25 9.77 14.73
C ILE B 420 2.51 9.75 13.91
N MET B 421 2.99 8.57 13.55
CA MET B 421 4.23 8.46 12.78
C MET B 421 4.00 8.82 11.32
N THR B 422 2.83 8.49 10.76
CA THR B 422 2.52 8.84 9.39
C THR B 422 2.10 10.30 9.24
N VAL B 423 1.65 10.95 10.31
CA VAL B 423 1.31 12.37 10.22
C VAL B 423 2.56 13.25 10.30
N ILE B 424 3.66 12.72 10.82
CA ILE B 424 4.90 13.50 10.93
C ILE B 424 5.87 13.14 9.82
N VAL B 425 6.06 11.85 9.57
CA VAL B 425 7.14 11.43 8.68
C VAL B 425 6.74 11.43 7.21
N VAL B 426 5.45 11.32 6.90
CA VAL B 426 5.03 11.12 5.51
C VAL B 426 4.01 12.15 5.08
N ASP B 427 2.91 12.26 5.81
CA ASP B 427 1.74 12.99 5.31
C ASP B 427 2.11 14.39 4.84
N GLN B 428 1.39 14.85 3.82
CA GLN B 428 1.65 16.18 3.27
C GLN B 428 1.57 17.27 4.32
N ARG B 429 0.77 17.07 5.36
CA ARG B 429 0.69 18.06 6.43
C ARG B 429 2.03 18.17 7.17
N GLY B 430 2.68 17.05 7.40
CA GLY B 430 3.89 17.03 8.21
C GLY B 430 5.15 17.29 7.41
N LEU B 431 6.21 16.56 7.73
CA LEU B 431 7.53 16.85 7.12
C LEU B 431 7.48 16.55 5.61
N ASN B 432 6.58 15.70 5.12
CA ASN B 432 6.44 15.44 3.70
C ASN B 432 7.69 14.78 3.11
N LEU B 433 8.36 13.95 3.90
CA LEU B 433 9.61 13.36 3.46
C LEU B 433 9.37 12.40 2.30
N PRO B 434 10.11 12.52 1.19
CA PRO B 434 9.94 11.55 0.10
C PRO B 434 10.50 10.19 0.49
N VAL B 435 10.24 9.17 -0.34
CA VAL B 435 10.66 7.82 0.00
C VAL B 435 12.18 7.68 0.02
N SER B 436 12.91 8.52 -0.73
CA SER B 436 14.36 8.42 -0.73
C SER B 436 14.93 8.55 0.67
N ILE B 437 14.55 9.63 1.39
CA ILE B 437 15.03 9.85 2.74
C ILE B 437 14.16 9.16 3.78
N GLN B 438 12.95 8.70 3.38
CA GLN B 438 11.94 8.13 4.31
C GLN B 438 12.43 6.87 5.04
N PHE B 439 13.07 5.92 4.36
CA PHE B 439 13.50 4.68 4.99
C PHE B 439 14.62 4.89 6.01
N LEU B 440 15.40 5.96 5.86
CA LEU B 440 16.42 6.26 6.86
C LEU B 440 15.79 6.58 8.21
N VAL B 441 14.49 6.85 8.25
CA VAL B 441 13.80 7.07 9.51
C VAL B 441 13.37 5.76 10.14
N TYR B 442 12.75 4.87 9.35
CA TYR B 442 12.33 3.58 9.89
C TYR B 442 13.55 2.75 10.30
N GLY B 443 14.63 2.83 9.53
CA GLY B 443 15.86 2.20 9.95
C GLY B 443 16.35 2.74 11.28
N SER B 444 16.11 4.01 11.55
CA SER B 444 16.37 4.59 12.86
C SER B 444 15.23 4.35 13.84
N TYR B 445 14.10 3.81 13.37
CA TYR B 445 12.97 3.53 14.24
C TYR B 445 13.16 2.18 14.94
N PHE B 446 13.38 1.12 14.16
CA PHE B 446 13.65 -0.18 14.74
C PHE B 446 14.97 -0.18 15.51
N ALA B 447 15.90 0.71 15.19
CA ALA B 447 17.15 0.80 15.92
C ALA B 447 16.97 1.40 17.31
N VAL B 448 16.02 2.33 17.47
CA VAL B 448 15.77 2.93 18.77
C VAL B 448 14.93 2.04 19.67
N ILE B 449 14.06 1.20 19.11
CA ILE B 449 13.33 0.24 19.93
C ILE B 449 14.28 -0.74 20.60
N ALA B 450 15.44 -1.00 20.00
CA ALA B 450 16.44 -1.86 20.62
C ALA B 450 17.18 -1.16 21.75
N GLY B 451 17.56 0.10 21.54
CA GLY B 451 18.29 0.83 22.57
C GLY B 451 17.50 0.98 23.85
N ILE B 452 16.18 1.16 23.74
CA ILE B 452 15.35 1.29 24.93
C ILE B 452 14.98 -0.06 25.53
N PHE B 453 14.97 -1.13 24.74
CA PHE B 453 14.68 -2.46 25.24
C PHE B 453 15.94 -3.24 25.58
N LEU B 454 17.12 -2.66 25.41
CA LEU B 454 18.37 -3.30 25.79
C LEU B 454 19.07 -2.58 26.93
N MET B 455 19.19 -1.25 26.86
CA MET B 455 19.81 -0.51 27.95
C MET B 455 18.92 -0.43 29.18
N ARG B 456 17.63 -0.76 29.06
CA ARG B 456 16.77 -0.80 30.23
C ARG B 456 17.28 -1.81 31.25
N SER B 457 18.03 -2.82 30.80
CA SER B 457 18.61 -3.83 31.67
C SER B 457 19.93 -3.30 32.25
N MET B 458 19.79 -2.34 33.15
CA MET B 458 20.92 -1.71 33.82
C MET B 458 20.98 -2.18 35.26
N TYR B 459 22.04 -1.80 35.99
CA TYR B 459 22.16 -2.15 37.43
C TYR B 459 23.22 -1.27 38.09
C10 A1H5C C . -2.11 -0.89 0.27
N12 A1H5C C . -3.75 -1.42 -1.24
C13 A1H5C C . -4.29 -0.22 -1.06
C15 A1H5C C . -5.93 -0.88 -2.76
C03 A1H5C C . -0.70 -3.42 1.77
C04 A1H5C C . -0.29 -4.71 1.60
C05 A1H5C C . 0.43 -5.05 0.53
C06 A1H5C C . 0.72 -4.12 -0.39
C07 A1H5C C . 0.29 -2.84 -0.23
C08 A1H5C C . 0.63 -1.81 -1.29
C09 A1H5C C . -0.87 -1.17 1.08
C11 A1H5C C . -2.66 -1.77 -0.59
C14 A1H5C C . -5.53 0.21 -1.80
C16 A1H5C C . -4.89 -0.88 -3.86
C18 A1H5C C . -2.66 0.29 0.42
N02 A1H5C C . -0.42 -2.51 0.85
N17 A1H5C C . -3.72 0.63 -0.22
N19 A1H5C C . -2.07 1.23 1.32
#